data_3GGC
#
_entry.id   3GGC
#
_cell.length_a   111.284
_cell.length_b   72.775
_cell.length_c   50.993
_cell.angle_alpha   90.00
_cell.angle_beta   90.00
_cell.angle_gamma   90.00
#
_symmetry.space_group_name_H-M   'P 21 21 2'
#
loop_
_entity.id
_entity.type
_entity.pdbx_description
1 polymer 'Hypoxanthine-guanine phosphoribosyltransferase'
2 non-polymer '{2-[2-(6-oxo-1,6-dihydro-9H-purin-9-yl)ethoxy]ethyl}phosphonic acid'
3 water water
#
_entity_poly.entity_id   1
_entity_poly.type   'polypeptide(L)'
_entity_poly.pdbx_seq_one_letter_code
;ATRSPGVVISDDEPGYDLDLFCIPNHYAEDLERVFIPHGLIMDRTERLARDVMKEMGGHHIVALCVLKGGYKFFADLLDY
IKALNRNSDRSIPMTVDFIRLKSYCNDQSTGDIKVIGGDDLSTLTGKNVLIVEDIIDTGKTMQTLLSLVRQYNPKMVKVA
SLLVKRTPRSVGYKPDFVGFEIPDKFVVGYALDYNEYFRDLNHVCVISETGKAKYKA
;
_entity_poly.pdbx_strand_id   A,B
#
loop_
_chem_comp.id
_chem_comp.type
_chem_comp.name
_chem_comp.formula
H26 non-polymer '{2-[2-(6-oxo-1,6-dihydro-9H-purin-9-yl)ethoxy]ethyl}phosphonic acid' 'C9 H13 N4 O5 P'
#
# COMPACT_ATOMS: atom_id res chain seq x y z
N SER A 4 4.63 0.85 -20.84
CA SER A 4 3.95 0.31 -19.63
C SER A 4 2.76 1.16 -19.24
N PRO A 5 1.61 0.52 -18.99
CA PRO A 5 0.38 1.21 -18.68
C PRO A 5 0.16 1.34 -17.17
N GLY A 6 1.22 1.19 -16.38
CA GLY A 6 1.13 1.31 -14.93
C GLY A 6 0.52 0.07 -14.31
N VAL A 7 0.11 0.18 -13.05
CA VAL A 7 -0.53 -0.93 -12.36
C VAL A 7 -1.95 -1.08 -12.89
N VAL A 8 -2.17 -2.15 -13.66
CA VAL A 8 -3.47 -2.38 -14.25
C VAL A 8 -4.42 -3.02 -13.24
N ILE A 9 -5.52 -2.34 -12.95
CA ILE A 9 -6.58 -2.91 -12.12
C ILE A 9 -7.67 -3.42 -13.05
N SER A 10 -7.94 -4.71 -12.99
CA SER A 10 -8.80 -5.36 -13.99
C SER A 10 -10.29 -5.06 -13.89
N ASP A 11 -10.97 -5.19 -15.02
CA ASP A 11 -12.43 -5.24 -15.06
C ASP A 11 -12.91 -6.52 -14.36
N ASP A 12 -12.04 -7.52 -14.34
CA ASP A 12 -12.40 -8.83 -13.81
C ASP A 12 -12.89 -8.74 -12.38
N GLU A 13 -12.02 -9.09 -11.43
CA GLU A 13 -12.32 -8.86 -10.02
C GLU A 13 -11.83 -7.46 -9.66
N PRO A 14 -12.78 -6.51 -9.54
CA PRO A 14 -12.54 -5.07 -9.37
C PRO A 14 -11.38 -4.72 -8.44
N GLY A 15 -11.67 -4.44 -7.18
CA GLY A 15 -10.66 -4.05 -6.21
C GLY A 15 -10.74 -4.80 -4.89
N TYR A 16 -11.21 -4.12 -3.84
CA TYR A 16 -11.22 -4.69 -2.49
C TYR A 16 -12.54 -4.52 -1.74
N ASP A 17 -12.87 -5.51 -0.93
CA ASP A 17 -14.04 -5.46 -0.08
C ASP A 17 -13.84 -4.38 0.99
N LEU A 18 -14.86 -3.55 1.17
CA LEU A 18 -14.78 -2.39 2.05
C LEU A 18 -14.30 -2.67 3.48
N ASP A 19 -14.74 -3.78 4.05
CA ASP A 19 -14.41 -4.08 5.45
C ASP A 19 -12.97 -4.55 5.62
N LEU A 20 -12.27 -4.76 4.52
CA LEU A 20 -10.91 -5.23 4.61
C LEU A 20 -9.95 -4.08 4.93
N PHE A 21 -10.36 -2.85 4.68
CA PHE A 21 -9.52 -1.69 4.97
C PHE A 21 -10.19 -0.67 5.89
N CYS A 22 -9.39 0.28 6.38
CA CYS A 22 -9.88 1.26 7.34
C CYS A 22 -10.52 2.45 6.64
N ILE A 23 -11.85 2.53 6.69
CA ILE A 23 -12.53 3.68 6.12
C ILE A 23 -13.40 4.39 7.16
N PRO A 24 -13.50 5.73 7.04
CA PRO A 24 -14.28 6.53 8.00
C PRO A 24 -15.74 6.10 8.07
N ASN A 25 -16.27 6.06 9.28
CA ASN A 25 -17.65 5.61 9.50
C ASN A 25 -18.70 6.37 8.70
N HIS A 26 -18.46 7.66 8.46
CA HIS A 26 -19.45 8.47 7.72
C HIS A 26 -19.54 8.14 6.23
N TYR A 27 -18.65 7.28 5.74
CA TYR A 27 -18.72 6.87 4.34
C TYR A 27 -19.07 5.38 4.20
N ALA A 28 -19.35 4.74 5.32
CA ALA A 28 -19.75 3.34 5.31
C ALA A 28 -20.72 3.06 4.17
N GLU A 29 -21.52 4.07 3.84
CA GLU A 29 -22.68 3.91 2.95
C GLU A 29 -22.46 4.45 1.54
N ASP A 30 -21.38 5.20 1.35
CA ASP A 30 -21.24 6.03 0.16
C ASP A 30 -20.28 5.48 -0.89
N LEU A 31 -19.91 4.20 -0.75
CA LEU A 31 -18.91 3.58 -1.61
C LEU A 31 -19.33 2.18 -2.05
N GLU A 32 -18.68 1.68 -3.09
CA GLU A 32 -18.88 0.30 -3.54
C GLU A 32 -17.65 -0.53 -3.19
N ARG A 33 -16.55 -0.24 -3.85
CA ARG A 33 -15.31 -0.95 -3.60
C ARG A 33 -14.15 -0.01 -3.32
N VAL A 34 -13.13 -0.53 -2.65
CA VAL A 34 -11.85 0.12 -2.61
C VAL A 34 -11.06 -0.36 -3.82
N PHE A 35 -10.69 0.57 -4.69
CA PHE A 35 -9.80 0.21 -5.80
C PHE A 35 -8.35 0.23 -5.33
N ILE A 36 -7.93 1.35 -4.72
CA ILE A 36 -6.53 1.51 -4.34
C ILE A 36 -6.34 2.09 -2.93
N PRO A 37 -5.99 1.24 -1.97
CA PRO A 37 -5.68 1.71 -0.63
C PRO A 37 -4.55 2.74 -0.62
N HIS A 38 -4.62 3.69 0.32
CA HIS A 38 -3.69 4.80 0.40
C HIS A 38 -2.23 4.40 0.26
N GLY A 39 -1.80 3.40 1.00
CA GLY A 39 -0.40 2.98 1.02
C GLY A 39 0.07 2.42 -0.31
N LEU A 40 -0.87 1.85 -1.07
CA LEU A 40 -0.56 1.32 -2.39
C LEU A 40 -0.28 2.50 -3.31
N ILE A 41 -1.03 3.57 -3.11
CA ILE A 41 -0.87 4.78 -3.90
C ILE A 41 0.51 5.33 -3.61
N MET A 42 0.85 5.40 -2.33
CA MET A 42 2.15 5.90 -1.92
C MET A 42 3.29 5.09 -2.55
N ASP A 43 3.20 3.76 -2.45
CA ASP A 43 4.26 2.89 -2.96
C ASP A 43 4.43 3.03 -4.47
N ARG A 44 3.32 3.10 -5.19
CA ARG A 44 3.41 3.31 -6.63
C ARG A 44 4.02 4.68 -6.90
N THR A 45 3.51 5.70 -6.22
CA THR A 45 4.01 7.05 -6.40
C THR A 45 5.50 7.12 -6.16
N GLU A 46 5.99 6.40 -5.15
CA GLU A 46 7.42 6.39 -4.88
C GLU A 46 8.17 5.92 -6.12
N ARG A 47 7.61 4.95 -6.82
CA ARG A 47 8.25 4.41 -8.01
C ARG A 47 8.19 5.41 -9.15
N LEU A 48 7.01 5.98 -9.39
CA LEU A 48 6.86 7.00 -10.42
C LEU A 48 7.92 8.09 -10.25
N ALA A 49 8.15 8.53 -9.02
CA ALA A 49 9.13 9.56 -8.76
C ALA A 49 10.50 9.14 -9.24
N ARG A 50 10.77 7.84 -9.12
CA ARG A 50 12.05 7.26 -9.50
C ARG A 50 12.15 7.24 -11.02
N ASP A 51 11.04 6.89 -11.67
CA ASP A 51 10.98 6.88 -13.11
C ASP A 51 11.19 8.28 -13.67
N VAL A 52 10.62 9.26 -12.97
CA VAL A 52 10.74 10.65 -13.36
C VAL A 52 12.19 11.11 -13.38
N MET A 53 12.94 10.79 -12.32
CA MET A 53 14.32 11.21 -12.25
C MET A 53 15.17 10.54 -13.31
N LYS A 54 14.85 9.29 -13.62
CA LYS A 54 15.61 8.57 -14.65
C LYS A 54 15.58 9.30 -15.99
N GLU A 55 14.48 10.00 -16.27
CA GLU A 55 14.34 10.63 -17.57
C GLU A 55 14.54 12.15 -17.58
N MET A 56 14.42 12.77 -16.42
CA MET A 56 14.45 14.23 -16.38
C MET A 56 15.49 14.75 -15.38
N GLY A 57 16.07 13.84 -14.60
CA GLY A 57 17.02 14.20 -13.55
C GLY A 57 18.25 14.98 -14.01
N GLY A 58 18.94 15.60 -13.05
CA GLY A 58 20.12 16.39 -13.35
C GLY A 58 19.76 17.76 -13.90
N HIS A 59 18.94 17.76 -14.95
CA HIS A 59 18.38 18.98 -15.53
C HIS A 59 17.45 19.68 -14.53
N HIS A 60 17.15 20.95 -14.79
CA HIS A 60 16.36 21.75 -13.85
C HIS A 60 14.98 21.13 -13.54
N ILE A 61 14.16 21.00 -14.57
CA ILE A 61 12.75 20.56 -14.45
C ILE A 61 11.83 21.52 -13.68
N VAL A 62 10.73 21.88 -14.34
CA VAL A 62 9.67 22.67 -13.74
C VAL A 62 8.49 21.75 -13.48
N ALA A 63 8.20 21.48 -12.21
CA ALA A 63 7.06 20.65 -11.86
C ALA A 63 5.80 21.49 -11.94
N LEU A 64 4.99 21.22 -12.94
CA LEU A 64 3.74 21.96 -13.15
C LEU A 64 2.52 21.13 -12.74
N CYS A 65 1.87 21.55 -11.66
CA CYS A 65 0.69 20.85 -11.17
C CYS A 65 -0.59 21.37 -11.81
N VAL A 66 -1.33 20.47 -12.46
CA VAL A 66 -2.66 20.82 -12.93
C VAL A 66 -3.60 20.86 -11.74
N LEU A 67 -3.92 22.07 -11.30
CA LEU A 67 -4.67 22.27 -10.08
C LEU A 67 -6.16 22.44 -10.35
N LYS A 68 -6.93 21.39 -10.15
CA LYS A 68 -8.38 21.49 -10.21
C LYS A 68 -8.90 21.80 -8.80
N GLY A 69 -9.22 20.75 -8.05
CA GLY A 69 -9.75 20.92 -6.70
C GLY A 69 -8.78 20.69 -5.56
N GLY A 70 -7.70 19.95 -5.84
CA GLY A 70 -6.69 19.67 -4.83
C GLY A 70 -5.36 19.32 -5.46
N TYR A 71 -4.33 19.13 -4.65
CA TYR A 71 -3.01 18.76 -5.18
C TYR A 71 -2.33 17.69 -4.32
N LYS A 72 -3.13 16.92 -3.58
CA LYS A 72 -2.58 15.86 -2.76
C LYS A 72 -1.54 15.07 -3.53
N PHE A 73 -1.94 14.50 -4.66
CA PHE A 73 -1.04 13.67 -5.45
C PHE A 73 0.25 14.41 -5.76
N PHE A 74 0.12 15.61 -6.30
CA PHE A 74 1.26 16.47 -6.60
C PHE A 74 2.19 16.54 -5.39
N ALA A 75 1.60 16.88 -4.25
CA ALA A 75 2.34 16.99 -2.99
C ALA A 75 3.16 15.74 -2.71
N ASP A 76 2.52 14.58 -2.83
CA ASP A 76 3.18 13.32 -2.52
C ASP A 76 4.26 12.99 -3.53
N LEU A 77 3.96 13.18 -4.81
CA LEU A 77 4.95 12.90 -5.84
C LEU A 77 6.18 13.74 -5.55
N LEU A 78 5.98 14.98 -5.15
CA LEU A 78 7.13 15.86 -4.97
C LEU A 78 7.93 15.55 -3.73
N ASP A 79 7.27 15.06 -2.68
CA ASP A 79 8.01 14.60 -1.52
C ASP A 79 8.95 13.45 -1.89
N TYR A 80 8.44 12.45 -2.62
CA TYR A 80 9.28 11.36 -3.08
C TYR A 80 10.41 11.86 -3.98
N ILE A 81 10.12 12.85 -4.82
CA ILE A 81 11.15 13.37 -5.70
C ILE A 81 12.22 14.09 -4.89
N LYS A 82 11.79 14.90 -3.94
CA LYS A 82 12.70 15.58 -3.04
C LYS A 82 13.51 14.57 -2.24
N ALA A 83 12.88 13.47 -1.85
CA ALA A 83 13.56 12.42 -1.11
C ALA A 83 14.71 11.79 -1.90
N LEU A 84 14.53 11.66 -3.21
CA LEU A 84 15.56 11.11 -4.11
C LEU A 84 16.67 12.11 -4.33
N ASN A 85 16.29 13.38 -4.37
CA ASN A 85 17.24 14.45 -4.66
C ASN A 85 18.16 14.74 -3.49
N ARG A 86 17.76 14.29 -2.31
CA ARG A 86 18.60 14.38 -1.11
C ARG A 86 19.97 13.75 -1.29
N ASN A 87 20.11 12.85 -2.26
CA ASN A 87 21.34 12.09 -2.43
C ASN A 87 22.34 12.64 -3.42
N SER A 88 21.85 13.45 -4.36
CA SER A 88 22.67 14.00 -5.42
C SER A 88 23.90 14.74 -4.92
N ASP A 89 25.03 14.53 -5.58
CA ASP A 89 26.28 15.21 -5.26
CA ASP A 89 26.28 15.21 -5.26
C ASP A 89 26.10 16.72 -5.28
N ARG A 90 25.48 17.19 -6.35
CA ARG A 90 25.21 18.60 -6.56
C ARG A 90 23.76 18.80 -6.17
N SER A 91 23.43 19.95 -5.60
CA SER A 91 22.05 20.24 -5.30
C SER A 91 21.35 20.59 -6.59
N ILE A 92 20.23 19.94 -6.86
CA ILE A 92 19.47 20.21 -8.06
C ILE A 92 18.29 21.10 -7.74
N PRO A 93 18.28 22.31 -8.30
CA PRO A 93 17.16 23.24 -8.11
C PRO A 93 15.93 22.73 -8.83
N MET A 94 14.80 22.75 -8.13
CA MET A 94 13.54 22.32 -8.70
C MET A 94 12.55 23.47 -8.67
N THR A 95 12.03 23.84 -9.84
CA THR A 95 11.00 24.85 -9.89
C THR A 95 9.61 24.20 -9.88
N VAL A 96 8.84 24.57 -8.87
CA VAL A 96 7.48 24.07 -8.68
C VAL A 96 6.48 25.17 -9.03
N ASP A 97 5.55 24.88 -9.93
CA ASP A 97 4.49 25.84 -10.21
C ASP A 97 3.13 25.16 -10.39
N PHE A 98 2.07 25.96 -10.40
CA PHE A 98 0.72 25.44 -10.56
C PHE A 98 0.03 26.09 -11.75
N ILE A 99 -0.81 25.32 -12.43
CA ILE A 99 -1.71 25.88 -13.43
C ILE A 99 -3.15 25.55 -13.06
N ARG A 100 -3.89 26.57 -12.65
CA ARG A 100 -5.23 26.39 -12.06
C ARG A 100 -6.33 26.35 -13.12
N LEU A 101 -7.13 25.29 -13.11
CA LEU A 101 -8.25 25.16 -14.04
C LEU A 101 -9.59 25.24 -13.32
N LYS A 102 -10.54 25.95 -13.93
CA LYS A 102 -11.91 26.04 -13.41
C LYS A 102 -12.83 25.27 -14.34
N SER A 103 -13.90 24.71 -13.79
CA SER A 103 -14.72 23.74 -14.55
C SER A 103 -16.05 24.28 -15.11
N TYR A 104 -16.46 23.79 -16.29
CA TYR A 104 -17.61 24.34 -17.02
C TYR A 104 -18.43 23.32 -17.83
N CYS A 105 -19.24 23.85 -18.76
CA CYS A 105 -20.14 23.03 -19.60
C CYS A 105 -20.82 21.91 -18.82
N GLN A 108 -18.88 17.07 -19.95
CA GLN A 108 -19.46 16.93 -21.28
C GLN A 108 -18.50 17.45 -22.35
N SER A 109 -17.82 18.56 -22.05
CA SER A 109 -16.83 19.13 -22.94
C SER A 109 -15.58 19.51 -22.14
N THR A 110 -14.76 18.52 -21.84
CA THR A 110 -13.61 18.70 -20.94
C THR A 110 -12.43 19.33 -21.66
N GLY A 111 -12.39 19.19 -22.97
CA GLY A 111 -11.28 19.67 -23.79
C GLY A 111 -11.12 21.18 -23.72
N ASP A 112 -12.23 21.87 -23.50
CA ASP A 112 -12.20 23.32 -23.34
C ASP A 112 -11.71 23.67 -21.95
N ILE A 113 -10.43 24.03 -21.86
CA ILE A 113 -9.85 24.45 -20.59
C ILE A 113 -10.08 25.93 -20.33
N LYS A 114 -10.18 26.30 -19.05
CA LYS A 114 -10.25 27.70 -18.65
C LYS A 114 -9.20 27.98 -17.56
N VAL A 115 -7.99 28.31 -17.98
CA VAL A 115 -6.92 28.61 -17.05
C VAL A 115 -7.20 29.89 -16.29
N ILE A 116 -6.93 29.89 -14.99
CA ILE A 116 -7.04 31.08 -14.18
C ILE A 116 -5.67 31.45 -13.63
N GLY A 117 -5.08 30.52 -12.89
CA GLY A 117 -3.75 30.71 -12.30
C GLY A 117 -2.63 30.46 -13.31
N GLY A 118 -2.34 31.48 -14.11
CA GLY A 118 -1.35 31.35 -15.19
C GLY A 118 -0.33 32.47 -15.21
N ASP A 119 0.34 32.69 -14.09
CA ASP A 119 1.45 33.63 -14.03
C ASP A 119 2.48 33.27 -15.10
N ASP A 120 3.29 34.25 -15.50
CA ASP A 120 4.34 34.00 -16.48
C ASP A 120 4.35 32.56 -16.99
N LEU A 121 3.52 32.28 -17.98
CA LEU A 121 3.53 30.98 -18.64
C LEU A 121 4.78 30.86 -19.47
N SER A 122 5.48 31.97 -19.64
CA SER A 122 6.70 32.01 -20.45
C SER A 122 7.93 31.63 -19.64
N THR A 123 7.73 31.33 -18.36
CA THR A 123 8.80 30.77 -17.54
C THR A 123 9.12 29.38 -18.05
N LEU A 124 8.11 28.74 -18.64
CA LEU A 124 8.23 27.38 -19.19
C LEU A 124 9.17 27.30 -20.38
N THR A 125 9.32 28.41 -21.09
CA THR A 125 10.10 28.43 -22.32
C THR A 125 11.52 27.92 -22.10
N GLY A 126 11.92 26.95 -22.93
CA GLY A 126 13.26 26.38 -22.83
C GLY A 126 13.54 25.59 -21.56
N LYS A 127 12.50 25.23 -20.83
CA LYS A 127 12.71 24.42 -19.62
C LYS A 127 12.12 23.02 -19.75
N ASN A 128 12.51 22.14 -18.83
CA ASN A 128 12.00 20.76 -18.79
C ASN A 128 10.77 20.65 -17.90
N VAL A 129 9.60 20.48 -18.51
CA VAL A 129 8.35 20.50 -17.77
C VAL A 129 7.79 19.11 -17.50
N LEU A 130 7.52 18.84 -16.22
CA LEU A 130 6.70 17.72 -15.83
C LEU A 130 5.33 18.26 -15.47
N ILE A 131 4.32 17.82 -16.21
CA ILE A 131 2.95 18.17 -15.92
C ILE A 131 2.33 17.05 -15.08
N VAL A 132 1.80 17.41 -13.92
CA VAL A 132 1.27 16.44 -12.98
C VAL A 132 -0.25 16.54 -12.88
N GLU A 133 -0.92 15.40 -13.07
CA GLU A 133 -2.38 15.35 -13.08
C GLU A 133 -2.81 14.14 -12.25
N ASP A 134 -4.00 14.21 -11.65
CA ASP A 134 -4.46 13.13 -10.78
C ASP A 134 -5.23 12.02 -11.49
N ILE A 135 -6.07 12.41 -12.44
CA ILE A 135 -6.87 11.44 -13.18
C ILE A 135 -7.01 11.89 -14.61
N ILE A 136 -6.86 10.94 -15.53
CA ILE A 136 -7.16 11.18 -16.94
C ILE A 136 -8.32 10.28 -17.33
N ASP A 137 -9.33 10.90 -17.95
CA ASP A 137 -10.54 10.19 -18.34
C ASP A 137 -10.65 10.14 -19.87
N THR A 138 -11.36 11.10 -20.46
CA THR A 138 -11.49 11.13 -21.91
C THR A 138 -10.19 11.58 -22.57
N GLY A 139 -9.37 12.31 -21.81
CA GLY A 139 -8.06 12.74 -22.27
C GLY A 139 -8.09 14.10 -22.95
N LYS A 140 -9.26 14.71 -22.98
CA LYS A 140 -9.45 15.99 -23.66
C LYS A 140 -8.78 17.17 -22.95
N THR A 141 -8.93 17.24 -21.63
CA THR A 141 -8.34 18.31 -20.85
C THR A 141 -6.85 18.39 -21.13
N MET A 142 -6.18 17.25 -20.99
CA MET A 142 -4.74 17.18 -21.13
C MET A 142 -4.28 17.59 -22.53
N GLN A 143 -4.85 16.96 -23.55
CA GLN A 143 -4.39 17.18 -24.92
C GLN A 143 -4.54 18.64 -25.36
N THR A 144 -5.51 19.35 -24.80
CA THR A 144 -5.64 20.76 -25.13
C THR A 144 -4.82 21.63 -24.16
N LEU A 145 -4.40 21.02 -23.06
CA LEU A 145 -3.48 21.66 -22.13
C LEU A 145 -2.06 21.53 -22.69
N LEU A 146 -1.78 20.39 -23.31
CA LEU A 146 -0.52 20.20 -24.02
C LEU A 146 -0.35 21.22 -25.13
N SER A 147 -1.45 21.57 -25.80
CA SER A 147 -1.42 22.54 -26.89
C SER A 147 -1.01 23.91 -26.37
N LEU A 148 -1.59 24.29 -25.24
CA LEU A 148 -1.30 25.57 -24.61
C LEU A 148 0.18 25.63 -24.22
N VAL A 149 0.61 24.64 -23.44
CA VAL A 149 1.98 24.60 -22.93
C VAL A 149 3.03 24.62 -24.02
N ARG A 150 2.86 23.78 -25.04
CA ARG A 150 3.87 23.64 -26.08
C ARG A 150 4.12 24.92 -26.89
N GLN A 151 3.17 25.84 -26.85
CA GLN A 151 3.32 27.10 -27.57
C GLN A 151 4.38 27.99 -26.92
N TYR A 152 4.60 27.79 -25.63
CA TYR A 152 5.67 28.50 -24.94
C TYR A 152 6.99 27.77 -25.15
N ASN A 153 7.00 26.91 -26.17
CA ASN A 153 8.18 26.15 -26.55
C ASN A 153 9.08 25.76 -25.38
N PRO A 154 8.68 24.73 -24.63
CA PRO A 154 9.54 24.13 -23.63
C PRO A 154 10.58 23.26 -24.33
N LYS A 155 11.68 22.97 -23.65
CA LYS A 155 12.69 22.08 -24.21
C LYS A 155 12.13 20.67 -24.30
N MET A 156 11.24 20.34 -23.37
CA MET A 156 10.66 19.00 -23.30
C MET A 156 9.48 18.96 -22.34
N VAL A 157 8.41 18.28 -22.75
CA VAL A 157 7.25 18.10 -21.90
C VAL A 157 6.95 16.62 -21.68
N LYS A 158 6.95 16.19 -20.41
CA LYS A 158 6.40 14.89 -20.07
C LYS A 158 5.16 15.05 -19.17
N VAL A 159 4.29 14.05 -19.19
CA VAL A 159 3.07 14.08 -18.39
C VAL A 159 2.96 12.90 -17.44
N ALA A 160 2.54 13.16 -16.21
CA ALA A 160 2.41 12.13 -15.20
C ALA A 160 1.02 12.17 -14.57
N SER A 161 0.30 11.06 -14.70
CA SER A 161 -1.05 10.96 -14.16
C SER A 161 -1.15 9.81 -13.18
N LEU A 162 -1.77 10.06 -12.03
CA LEU A 162 -1.96 9.02 -11.02
C LEU A 162 -2.86 7.93 -11.59
N LEU A 163 -3.93 8.36 -12.25
CA LEU A 163 -4.97 7.47 -12.73
C LEU A 163 -5.30 7.73 -14.19
N VAL A 164 -5.30 6.66 -14.98
CA VAL A 164 -5.73 6.70 -16.36
C VAL A 164 -6.90 5.74 -16.44
N LYS A 165 -8.04 6.24 -16.87
CA LYS A 165 -9.27 5.45 -16.88
C LYS A 165 -9.42 4.72 -18.20
N ARG A 166 -9.75 3.44 -18.12
CA ARG A 166 -9.90 2.60 -19.28
C ARG A 166 -11.30 2.80 -19.90
N THR A 167 -11.44 3.79 -20.79
CA THR A 167 -12.75 4.13 -21.38
C THR A 167 -12.79 4.17 -22.90
N PRO A 168 -13.92 3.72 -23.49
CA PRO A 168 -14.20 3.98 -24.90
C PRO A 168 -14.25 5.47 -25.20
N ARG A 169 -14.78 6.25 -24.27
CA ARG A 169 -14.87 7.70 -24.42
C ARG A 169 -13.49 8.36 -24.55
N SER A 170 -12.43 7.58 -24.42
CA SER A 170 -11.06 8.09 -24.47
C SER A 170 -10.59 8.40 -25.89
N VAL A 171 -9.96 9.58 -26.05
CA VAL A 171 -9.44 9.99 -27.35
C VAL A 171 -8.03 9.47 -27.60
N GLY A 172 -7.54 8.64 -26.68
CA GLY A 172 -6.29 7.94 -26.91
C GLY A 172 -5.02 8.60 -26.39
N TYR A 173 -5.14 9.78 -25.79
CA TYR A 173 -3.96 10.39 -25.19
C TYR A 173 -3.42 9.51 -24.07
N LYS A 174 -2.12 9.25 -24.10
CA LYS A 174 -1.48 8.46 -23.06
C LYS A 174 -0.37 9.25 -22.38
N PRO A 175 -0.44 9.37 -21.05
CA PRO A 175 0.60 10.04 -20.30
C PRO A 175 1.92 9.29 -20.40
N ASP A 176 3.02 9.96 -20.10
CA ASP A 176 4.34 9.33 -20.06
C ASP A 176 4.54 8.51 -18.79
N PHE A 177 3.84 8.87 -17.72
CA PHE A 177 3.94 8.14 -16.46
C PHE A 177 2.54 7.88 -15.94
N VAL A 178 2.17 6.61 -15.83
CA VAL A 178 0.86 6.24 -15.32
C VAL A 178 0.99 5.57 -13.97
N GLY A 179 0.28 6.11 -12.98
CA GLY A 179 0.18 5.45 -11.68
C GLY A 179 -0.60 4.16 -11.76
N PHE A 180 -1.88 4.25 -12.12
CA PHE A 180 -2.76 3.10 -12.20
C PHE A 180 -3.74 3.21 -13.38
N GLU A 181 -3.84 2.15 -14.17
CA GLU A 181 -4.91 2.05 -15.16
C GLU A 181 -6.11 1.34 -14.52
N ILE A 182 -7.25 2.03 -14.48
CA ILE A 182 -8.40 1.57 -13.70
C ILE A 182 -9.64 1.38 -14.57
N PRO A 183 -10.62 0.61 -14.06
CA PRO A 183 -11.89 0.38 -14.76
C PRO A 183 -12.70 1.67 -14.97
N ASP A 184 -13.56 1.66 -15.98
CA ASP A 184 -14.42 2.81 -16.27
C ASP A 184 -15.55 2.94 -15.23
N LYS A 185 -15.17 3.34 -14.01
CA LYS A 185 -16.14 3.63 -12.94
C LYS A 185 -15.74 4.93 -12.25
N PHE A 186 -16.72 5.64 -11.69
CA PHE A 186 -16.45 6.95 -11.09
C PHE A 186 -15.89 6.84 -9.67
N VAL A 187 -14.63 7.25 -9.50
CA VAL A 187 -13.91 7.06 -8.23
C VAL A 187 -13.70 8.34 -7.42
N VAL A 188 -13.64 8.19 -6.10
CA VAL A 188 -13.34 9.32 -5.22
C VAL A 188 -12.26 8.90 -4.20
N GLY A 189 -11.64 9.88 -3.55
CA GLY A 189 -10.65 9.58 -2.53
C GLY A 189 -9.24 10.04 -2.85
N TYR A 190 -8.39 10.01 -1.83
CA TYR A 190 -7.01 10.46 -1.95
C TYR A 190 -6.89 11.88 -2.49
N ALA A 191 -7.10 12.04 -3.79
CA ALA A 191 -6.90 13.35 -4.41
C ALA A 191 -8.16 13.82 -5.11
N LEU A 192 -9.12 12.92 -5.26
CA LEU A 192 -10.37 13.29 -5.92
C LEU A 192 -11.48 13.50 -4.90
N ASP A 193 -11.92 14.76 -4.77
CA ASP A 193 -13.06 15.10 -3.92
C ASP A 193 -14.33 15.05 -4.75
N TYR A 194 -15.47 15.03 -4.08
CA TYR A 194 -16.75 15.07 -4.76
C TYR A 194 -17.59 16.16 -4.12
N ASN A 195 -17.82 17.24 -4.86
CA ASN A 195 -18.46 18.43 -4.30
C ASN A 195 -18.00 18.73 -2.88
N GLU A 196 -16.68 18.81 -2.71
CA GLU A 196 -16.07 19.13 -1.41
C GLU A 196 -16.02 17.97 -0.41
N TYR A 197 -16.53 16.81 -0.79
CA TYR A 197 -16.56 15.65 0.10
C TYR A 197 -15.49 14.61 -0.23
N PHE A 198 -15.33 13.62 0.66
CA PHE A 198 -14.33 12.57 0.52
C PHE A 198 -12.90 13.10 0.59
N ARG A 199 -12.74 14.37 0.94
CA ARG A 199 -11.41 14.96 1.05
C ARG A 199 -10.61 14.20 2.12
N ASP A 200 -11.32 13.68 3.13
CA ASP A 200 -10.70 12.97 4.23
C ASP A 200 -10.60 11.47 3.97
N LEU A 201 -11.01 11.06 2.77
CA LEU A 201 -10.87 9.66 2.39
C LEU A 201 -9.53 9.41 1.72
N ASN A 202 -8.74 8.53 2.35
CA ASN A 202 -7.37 8.22 1.97
C ASN A 202 -7.24 7.43 0.69
N HIS A 203 -8.25 6.60 0.44
CA HIS A 203 -8.17 5.57 -0.59
C HIS A 203 -8.93 5.98 -1.84
N VAL A 204 -8.59 5.37 -2.96
CA VAL A 204 -9.38 5.51 -4.17
C VAL A 204 -10.50 4.47 -4.14
N CYS A 205 -11.73 4.95 -3.99
CA CYS A 205 -12.91 4.06 -3.94
C CYS A 205 -14.00 4.49 -4.92
N VAL A 206 -14.68 3.50 -5.49
CA VAL A 206 -15.84 3.75 -6.34
C VAL A 206 -16.99 4.30 -5.51
N ILE A 207 -17.50 5.46 -5.90
CA ILE A 207 -18.63 6.08 -5.19
C ILE A 207 -19.93 5.34 -5.42
N SER A 208 -20.67 5.09 -4.35
CA SER A 208 -21.96 4.41 -4.44
C SER A 208 -23.03 5.38 -4.92
N GLU A 209 -24.20 4.84 -5.28
CA GLU A 209 -25.32 5.68 -5.70
C GLU A 209 -25.94 6.47 -4.54
N THR A 210 -25.96 5.89 -3.34
CA THR A 210 -26.50 6.63 -2.19
C THR A 210 -25.53 7.71 -1.72
N GLY A 211 -24.24 7.54 -2.07
CA GLY A 211 -23.24 8.58 -1.81
C GLY A 211 -23.29 9.65 -2.88
N LYS A 212 -23.53 9.22 -4.12
CA LYS A 212 -23.70 10.13 -5.26
C LYS A 212 -24.85 11.10 -5.01
N ALA A 213 -25.91 10.60 -4.38
CA ALA A 213 -27.09 11.42 -4.07
C ALA A 213 -26.86 12.30 -2.83
N LYS A 214 -26.34 11.70 -1.77
CA LYS A 214 -26.11 12.42 -0.52
C LYS A 214 -25.26 13.68 -0.70
N TYR A 215 -24.21 13.58 -1.51
CA TYR A 215 -23.22 14.66 -1.62
C TYR A 215 -23.32 15.51 -2.90
N LYS A 216 -24.21 15.13 -3.81
CA LYS A 216 -24.34 15.82 -5.09
C LYS A 216 -24.52 17.33 -4.92
N ALA A 217 -24.00 18.10 -5.86
CA ALA A 217 -24.17 19.55 -5.83
C ALA A 217 -25.64 19.90 -6.00
N ARG B 3 -14.01 -17.47 8.03
CA ARG B 3 -14.16 -16.61 9.24
C ARG B 3 -13.85 -15.14 8.91
N SER B 4 -13.34 -14.91 7.70
CA SER B 4 -12.74 -13.65 7.30
C SER B 4 -11.35 -14.02 6.84
N PRO B 5 -11.24 -14.50 5.59
CA PRO B 5 -10.00 -15.10 5.11
C PRO B 5 -8.90 -14.07 4.90
N GLY B 6 -9.24 -12.79 5.10
CA GLY B 6 -8.31 -11.70 4.86
C GLY B 6 -8.31 -11.34 3.40
N VAL B 7 -7.42 -10.42 3.02
CA VAL B 7 -7.26 -10.06 1.63
C VAL B 7 -6.71 -11.25 0.84
N VAL B 8 -7.49 -11.71 -0.13
CA VAL B 8 -7.16 -12.92 -0.86
C VAL B 8 -6.35 -12.64 -2.13
N ILE B 9 -5.08 -13.04 -2.12
CA ILE B 9 -4.28 -12.99 -3.33
C ILE B 9 -4.28 -14.38 -3.95
N SER B 10 -4.98 -14.51 -5.08
CA SER B 10 -5.27 -15.81 -5.66
C SER B 10 -4.14 -16.38 -6.51
N ASP B 11 -4.11 -17.70 -6.61
CA ASP B 11 -3.14 -18.43 -7.44
C ASP B 11 -3.06 -17.83 -8.84
N ASP B 12 -4.22 -17.54 -9.44
CA ASP B 12 -4.29 -16.98 -10.77
C ASP B 12 -3.55 -15.64 -10.89
N GLU B 13 -2.53 -15.61 -11.76
CA GLU B 13 -1.74 -14.39 -12.03
C GLU B 13 -1.53 -13.51 -10.79
N PRO B 14 -0.60 -13.93 -9.90
CA PRO B 14 -0.49 -13.33 -8.57
C PRO B 14 0.46 -12.13 -8.48
N GLY B 15 0.00 -11.07 -7.81
CA GLY B 15 0.85 -9.92 -7.51
C GLY B 15 1.12 -8.95 -8.64
N TYR B 16 2.29 -8.31 -8.60
CA TYR B 16 2.63 -7.25 -9.53
C TYR B 16 4.00 -7.47 -10.15
N ASP B 17 4.18 -6.92 -11.35
CA ASP B 17 5.45 -6.98 -12.04
CA ASP B 17 5.45 -6.98 -12.04
C ASP B 17 6.48 -6.15 -11.29
N LEU B 18 7.73 -6.63 -11.25
CA LEU B 18 8.78 -6.00 -10.44
C LEU B 18 9.05 -4.52 -10.70
N ASP B 19 9.02 -4.12 -11.96
CA ASP B 19 9.41 -2.76 -12.33
C ASP B 19 8.35 -1.70 -11.99
N LEU B 20 7.27 -2.14 -11.34
CA LEU B 20 6.19 -1.23 -10.99
C LEU B 20 6.35 -0.59 -9.61
N PHE B 21 7.14 -1.22 -8.74
CA PHE B 21 7.39 -0.66 -7.42
C PHE B 21 8.88 -0.44 -7.13
N CYS B 22 9.16 0.29 -6.05
CA CYS B 22 10.53 0.62 -5.67
C CYS B 22 11.19 -0.53 -4.90
N ILE B 23 12.22 -1.12 -5.49
CA ILE B 23 12.90 -2.25 -4.91
C ILE B 23 14.39 -1.94 -4.91
N PRO B 24 15.08 -2.29 -3.82
CA PRO B 24 16.53 -2.09 -3.74
C PRO B 24 17.23 -2.70 -4.95
N ASN B 25 18.16 -1.95 -5.54
CA ASN B 25 18.92 -2.43 -6.70
C ASN B 25 19.63 -3.75 -6.43
N HIS B 26 20.18 -3.93 -5.24
CA HIS B 26 20.89 -5.17 -4.91
C HIS B 26 19.97 -6.39 -4.79
N TYR B 27 18.67 -6.21 -5.05
CA TYR B 27 17.73 -7.33 -5.11
C TYR B 27 17.11 -7.47 -6.50
N ALA B 28 17.71 -6.81 -7.48
CA ALA B 28 17.20 -6.79 -8.85
C ALA B 28 16.95 -8.17 -9.45
N GLU B 29 17.77 -9.15 -9.06
CA GLU B 29 17.67 -10.50 -9.63
C GLU B 29 17.15 -11.53 -8.64
N ASP B 30 16.95 -11.12 -7.39
CA ASP B 30 16.67 -12.09 -6.32
C ASP B 30 15.18 -12.27 -6.06
N LEU B 31 14.35 -11.82 -7.00
CA LEU B 31 12.91 -11.85 -6.82
C LEU B 31 12.20 -12.18 -8.13
N GLU B 32 11.00 -12.72 -8.02
CA GLU B 32 10.18 -13.07 -9.18
C GLU B 32 9.08 -12.03 -9.41
N ARG B 33 8.13 -11.95 -8.48
CA ARG B 33 7.10 -10.91 -8.50
C ARG B 33 7.08 -10.22 -7.15
N VAL B 34 6.36 -9.11 -7.07
CA VAL B 34 6.03 -8.52 -5.78
C VAL B 34 4.57 -8.88 -5.48
N PHE B 35 4.28 -9.31 -4.25
CA PHE B 35 2.94 -9.76 -3.90
C PHE B 35 2.14 -8.70 -3.15
N ILE B 36 2.76 -8.14 -2.11
CA ILE B 36 2.10 -7.13 -1.28
C ILE B 36 3.04 -5.98 -0.98
N PRO B 37 2.89 -4.86 -1.72
CA PRO B 37 3.66 -3.66 -1.41
C PRO B 37 3.53 -3.25 0.06
N HIS B 38 4.58 -2.65 0.60
CA HIS B 38 4.62 -2.27 2.02
C HIS B 38 3.36 -1.52 2.47
N GLY B 39 3.07 -0.41 1.82
CA GLY B 39 1.95 0.44 2.20
C GLY B 39 0.62 -0.28 2.18
N LEU B 40 0.56 -1.38 1.43
CA LEU B 40 -0.65 -2.20 1.35
C LEU B 40 -0.76 -3.02 2.63
N ILE B 41 0.40 -3.49 3.09
CA ILE B 41 0.54 -4.19 4.35
C ILE B 41 0.11 -3.28 5.48
N MET B 42 0.56 -2.02 5.42
CA MET B 42 0.22 -1.04 6.43
C MET B 42 -1.29 -0.83 6.55
N ASP B 43 -1.95 -0.57 5.42
CA ASP B 43 -3.37 -0.26 5.42
C ASP B 43 -4.17 -1.42 6.00
N ARG B 44 -3.86 -2.62 5.53
CA ARG B 44 -4.52 -3.82 6.01
C ARG B 44 -4.25 -3.99 7.50
N THR B 45 -2.99 -3.88 7.88
CA THR B 45 -2.61 -3.98 9.28
C THR B 45 -3.44 -3.00 10.12
N GLU B 46 -3.74 -1.84 9.53
CA GLU B 46 -4.52 -0.82 10.22
C GLU B 46 -5.94 -1.30 10.50
N ARG B 47 -6.63 -1.80 9.47
CA ARG B 47 -7.95 -2.35 9.68
C ARG B 47 -7.87 -3.47 10.71
N LEU B 48 -6.79 -4.24 10.67
CA LEU B 48 -6.60 -5.36 11.58
C LEU B 48 -6.57 -4.94 13.04
N ALA B 49 -5.99 -3.78 13.33
CA ALA B 49 -5.87 -3.31 14.71
C ALA B 49 -7.25 -2.89 15.21
N ARG B 50 -8.05 -2.36 14.31
CA ARG B 50 -9.43 -2.00 14.61
C ARG B 50 -10.20 -3.25 15.01
N ASP B 51 -10.06 -4.31 14.21
CA ASP B 51 -10.71 -5.58 14.50
C ASP B 51 -10.33 -6.14 15.87
N VAL B 52 -9.02 -6.17 16.14
CA VAL B 52 -8.54 -6.68 17.41
C VAL B 52 -9.26 -6.03 18.59
N MET B 53 -9.35 -4.70 18.56
CA MET B 53 -10.00 -3.97 19.64
C MET B 53 -11.50 -4.31 19.76
N LYS B 54 -12.15 -4.55 18.63
CA LYS B 54 -13.52 -5.05 18.65
C LYS B 54 -13.64 -6.19 19.67
N GLU B 55 -12.89 -7.26 19.43
CA GLU B 55 -12.91 -8.43 20.30
C GLU B 55 -12.27 -8.13 21.66
N MET B 56 -10.94 -8.05 21.65
CA MET B 56 -10.16 -7.85 22.88
C MET B 56 -10.50 -6.54 23.61
N GLY B 57 -9.83 -6.32 24.74
CA GLY B 57 -10.03 -5.12 25.54
C GLY B 57 -10.97 -5.32 26.71
N GLY B 58 -10.47 -5.92 27.78
CA GLY B 58 -11.27 -6.11 28.99
C GLY B 58 -11.18 -4.89 29.90
N HIS B 60 -5.78 -5.61 30.58
CA HIS B 60 -6.59 -6.68 30.02
C HIS B 60 -5.85 -7.38 28.88
N ILE B 61 -5.60 -6.63 27.81
CA ILE B 61 -4.92 -7.18 26.64
C ILE B 61 -3.45 -7.43 26.90
N VAL B 62 -3.01 -8.67 26.68
CA VAL B 62 -1.59 -8.96 26.60
C VAL B 62 -1.21 -9.39 25.19
N ALA B 63 -0.49 -8.51 24.50
CA ALA B 63 -0.02 -8.78 23.16
C ALA B 63 1.27 -9.57 23.24
N LEU B 64 1.25 -10.77 22.65
CA LEU B 64 2.38 -11.67 22.75
C LEU B 64 3.17 -11.76 21.45
N CYS B 65 4.43 -11.32 21.52
CA CYS B 65 5.32 -11.23 20.38
C CYS B 65 6.20 -12.49 20.33
N VAL B 66 6.43 -13.02 19.13
CA VAL B 66 7.24 -14.23 18.98
C VAL B 66 8.66 -13.89 18.54
N LEU B 67 9.61 -14.11 19.45
CA LEU B 67 10.92 -13.45 19.35
C LEU B 67 11.94 -13.92 18.32
N LYS B 68 12.94 -13.07 18.16
CA LYS B 68 13.78 -12.98 16.97
C LYS B 68 12.97 -12.56 15.75
N GLY B 69 12.19 -13.49 15.19
CA GLY B 69 11.53 -13.22 13.90
C GLY B 69 10.43 -12.17 13.85
N GLY B 70 9.44 -12.31 14.73
CA GLY B 70 8.18 -11.56 14.60
C GLY B 70 8.11 -10.11 15.06
N TYR B 71 9.24 -9.51 15.40
CA TYR B 71 9.27 -8.14 15.93
C TYR B 71 8.72 -7.08 14.99
N LYS B 72 8.96 -7.24 13.69
CA LYS B 72 8.57 -6.22 12.73
C LYS B 72 7.06 -6.02 12.71
N PHE B 73 6.33 -7.08 12.39
CA PHE B 73 4.87 -7.01 12.28
C PHE B 73 4.24 -6.66 13.63
N PHE B 74 4.79 -7.19 14.71
CA PHE B 74 4.33 -6.84 16.05
C PHE B 74 4.43 -5.33 16.25
N ALA B 75 5.59 -4.79 15.92
CA ALA B 75 5.85 -3.36 16.06
C ALA B 75 4.80 -2.55 15.34
N ASP B 76 4.55 -2.88 14.09
CA ASP B 76 3.59 -2.11 13.30
C ASP B 76 2.16 -2.30 13.81
N LEU B 77 1.75 -3.54 14.01
CA LEU B 77 0.41 -3.82 14.53
C LEU B 77 0.15 -3.06 15.82
N LEU B 78 1.14 -3.04 16.71
CA LEU B 78 1.00 -2.37 17.99
C LEU B 78 1.01 -0.85 17.85
N ASP B 79 1.77 -0.35 16.88
CA ASP B 79 1.76 1.08 16.60
C ASP B 79 0.37 1.55 16.22
N TYR B 80 -0.32 0.77 15.39
CA TYR B 80 -1.68 1.09 15.00
C TYR B 80 -2.65 1.00 16.19
N ILE B 81 -2.45 0.01 17.05
CA ILE B 81 -3.31 -0.15 18.22
C ILE B 81 -3.11 1.00 19.21
N LYS B 82 -1.86 1.26 19.55
CA LYS B 82 -1.52 2.44 20.35
C LYS B 82 -2.26 3.64 19.77
N ALA B 83 -2.33 3.70 18.45
CA ALA B 83 -2.97 4.83 17.78
C ALA B 83 -4.47 4.92 18.09
N LEU B 84 -5.14 3.78 18.16
CA LEU B 84 -6.55 3.75 18.55
C LEU B 84 -6.70 4.15 20.01
N ASN B 85 -5.82 3.64 20.85
CA ASN B 85 -5.92 3.83 22.30
C ASN B 85 -5.81 5.29 22.75
N ARG B 86 -5.20 6.12 21.94
CA ARG B 86 -5.00 7.52 22.31
C ARG B 86 -6.31 8.24 22.56
N ASN B 87 -7.40 7.72 22.01
CA ASN B 87 -8.69 8.41 22.10
C ASN B 87 -9.59 7.90 23.22
N SER B 88 -9.21 6.79 23.85
CA SER B 88 -9.98 6.25 24.96
C SER B 88 -10.13 7.30 26.05
N ASP B 89 -11.28 7.30 26.72
CA ASP B 89 -11.57 8.27 27.75
C ASP B 89 -10.80 7.95 29.03
N ARG B 90 -10.51 6.67 29.24
CA ARG B 90 -9.61 6.23 30.30
C ARG B 90 -8.38 5.60 29.66
N SER B 91 -7.21 5.89 30.21
CA SER B 91 -5.99 5.27 29.71
C SER B 91 -6.03 3.76 29.93
N ILE B 92 -5.77 3.02 28.86
CA ILE B 92 -5.88 1.57 28.89
C ILE B 92 -4.52 0.88 28.93
N PRO B 93 -4.27 0.11 30.00
CA PRO B 93 -3.00 -0.60 30.12
C PRO B 93 -2.97 -1.77 29.14
N MET B 94 -1.93 -1.81 28.33
CA MET B 94 -1.64 -2.96 27.49
C MET B 94 -0.31 -3.52 27.95
N THR B 95 -0.22 -4.84 28.05
CA THR B 95 1.05 -5.47 28.38
C THR B 95 1.62 -6.29 27.23
N VAL B 96 2.83 -5.93 26.82
CA VAL B 96 3.57 -6.64 25.80
C VAL B 96 4.29 -7.83 26.44
N ASP B 97 4.20 -9.00 25.82
CA ASP B 97 4.92 -10.18 26.30
C ASP B 97 5.72 -10.88 25.21
N PHE B 98 6.69 -11.70 25.60
CA PHE B 98 7.61 -12.29 24.64
C PHE B 98 7.88 -13.78 24.82
N ILE B 99 7.81 -14.51 23.71
CA ILE B 99 8.39 -15.85 23.63
C ILE B 99 9.44 -15.92 22.54
N ARG B 100 10.53 -16.61 22.81
CA ARG B 100 11.47 -16.93 21.75
C ARG B 100 11.05 -18.29 21.20
N LEU B 101 11.19 -18.46 19.89
CA LEU B 101 10.79 -19.71 19.26
C LEU B 101 11.55 -19.93 17.97
N LYS B 102 12.29 -21.03 17.89
CA LYS B 102 13.06 -21.34 16.69
C LYS B 102 12.67 -22.69 16.10
N SER B 103 12.79 -22.81 14.78
CA SER B 103 12.49 -24.05 14.08
C SER B 103 13.72 -24.58 13.37
N TYR B 104 13.78 -25.90 13.19
CA TYR B 104 14.86 -26.52 12.44
C TYR B 104 14.32 -27.52 11.44
N CYS B 105 14.95 -27.55 10.26
CA CYS B 105 14.63 -28.53 9.25
C CYS B 105 14.63 -29.93 9.87
N ASN B 106 13.61 -30.71 9.55
CA ASN B 106 13.39 -32.03 10.12
C ASN B 106 14.29 -33.13 9.55
N ASP B 107 14.55 -33.06 8.24
CA ASP B 107 15.48 -33.98 7.55
C ASP B 107 14.97 -35.42 7.37
N GLN B 108 14.95 -36.21 8.44
CA GLN B 108 14.38 -37.56 8.40
C GLN B 108 12.90 -37.53 8.75
N SER B 109 12.40 -38.69 9.16
CA SER B 109 11.14 -38.81 9.89
C SER B 109 9.97 -38.02 9.31
N THR B 110 10.04 -36.71 9.53
CA THR B 110 8.98 -35.75 9.24
C THR B 110 9.03 -34.93 10.51
N GLY B 111 8.86 -35.62 11.63
CA GLY B 111 9.01 -35.04 12.96
C GLY B 111 9.45 -33.59 12.98
N ASP B 112 8.62 -32.75 13.59
CA ASP B 112 8.89 -31.32 13.64
C ASP B 112 9.74 -30.93 14.87
N ILE B 113 10.71 -30.05 14.64
CA ILE B 113 11.59 -29.58 15.70
C ILE B 113 11.28 -28.13 16.10
N LYS B 114 10.90 -27.95 17.36
CA LYS B 114 10.60 -26.63 17.91
C LYS B 114 11.43 -26.37 19.16
N VAL B 115 12.15 -25.26 19.20
CA VAL B 115 12.90 -24.88 20.39
C VAL B 115 12.34 -23.58 20.99
N ILE B 116 11.68 -23.68 22.13
CA ILE B 116 11.05 -22.51 22.74
C ILE B 116 12.05 -21.65 23.50
N GLY B 118 11.25 -19.59 24.99
CA GLY B 118 10.16 -18.72 25.44
C GLY B 118 10.46 -18.08 26.78
N ASP B 119 10.22 -18.84 27.85
CA ASP B 119 10.65 -18.45 29.19
C ASP B 119 9.82 -17.33 29.84
N ASP B 120 9.72 -17.39 31.17
CA ASP B 120 8.98 -16.42 31.97
C ASP B 120 7.68 -15.92 31.34
N LEU B 121 6.58 -16.61 31.67
CA LEU B 121 5.27 -16.22 31.16
C LEU B 121 4.26 -16.14 32.30
N SER B 122 4.68 -15.53 33.41
CA SER B 122 3.81 -15.37 34.57
C SER B 122 2.66 -14.41 34.27
N THR B 123 2.90 -13.47 33.37
CA THR B 123 1.92 -12.41 33.09
C THR B 123 0.84 -12.86 32.10
N LEU B 124 0.37 -14.09 32.25
CA LEU B 124 -0.58 -14.65 31.29
C LEU B 124 -1.90 -15.03 31.94
N THR B 125 -1.86 -15.23 33.25
CA THR B 125 -3.00 -15.80 33.96
C THR B 125 -4.24 -14.92 33.93
N GLY B 126 -5.32 -15.46 33.38
CA GLY B 126 -6.61 -14.77 33.36
C GLY B 126 -6.68 -13.50 32.53
N LYS B 127 -5.71 -13.32 31.63
CA LYS B 127 -5.69 -12.14 30.78
C LYS B 127 -6.21 -12.47 29.39
N ASN B 128 -6.42 -11.46 28.55
CA ASN B 128 -6.74 -11.65 27.13
C ASN B 128 -5.47 -11.61 26.31
N VAL B 129 -5.12 -12.75 25.72
CA VAL B 129 -3.85 -12.86 25.03
C VAL B 129 -3.98 -12.96 23.52
N LEU B 130 -3.24 -12.10 22.83
CA LEU B 130 -3.16 -12.14 21.39
C LEU B 130 -1.82 -12.75 21.00
N ILE B 131 -1.87 -13.78 20.15
CA ILE B 131 -0.68 -14.35 19.57
C ILE B 131 -0.44 -13.64 18.23
N VAL B 132 0.75 -13.07 18.05
CA VAL B 132 1.05 -12.39 16.81
C VAL B 132 2.05 -13.19 15.98
N GLU B 133 1.64 -13.52 14.75
CA GLU B 133 2.45 -14.31 13.85
C GLU B 133 2.70 -13.63 12.52
N ASP B 134 3.81 -13.99 11.88
CA ASP B 134 4.19 -13.44 10.61
C ASP B 134 3.51 -14.17 9.46
N ILE B 135 3.57 -15.50 9.49
CA ILE B 135 3.04 -16.31 8.40
C ILE B 135 2.60 -17.68 8.87
N ILE B 136 1.54 -18.21 8.26
CA ILE B 136 1.10 -19.56 8.55
C ILE B 136 1.20 -20.45 7.32
N ASP B 137 1.87 -21.59 7.49
CA ASP B 137 2.11 -22.51 6.39
C ASP B 137 1.57 -23.87 6.79
N THR B 138 2.33 -24.57 7.62
CA THR B 138 1.95 -25.90 8.08
C THR B 138 1.05 -25.86 9.32
N GLY B 139 1.09 -24.75 10.05
CA GLY B 139 0.26 -24.57 11.23
C GLY B 139 0.92 -24.98 12.53
N LYS B 140 2.13 -25.53 12.45
CA LYS B 140 2.80 -26.02 13.65
C LYS B 140 3.25 -24.91 14.62
N THR B 141 3.82 -23.84 14.10
CA THR B 141 4.20 -22.72 14.95
C THR B 141 2.98 -22.24 15.74
N MET B 142 1.84 -22.14 15.06
CA MET B 142 0.59 -21.68 15.69
C MET B 142 0.11 -22.66 16.73
N GLN B 143 0.10 -23.93 16.35
CA GLN B 143 -0.28 -25.01 17.23
C GLN B 143 0.60 -25.01 18.47
N THR B 144 1.91 -24.83 18.27
CA THR B 144 2.87 -24.76 19.36
C THR B 144 2.57 -23.60 20.29
N LEU B 145 2.37 -22.42 19.71
CA LEU B 145 2.06 -21.23 20.49
C LEU B 145 0.73 -21.38 21.24
N LEU B 146 -0.22 -22.07 20.62
CA LEU B 146 -1.51 -22.34 21.23
C LEU B 146 -1.40 -23.12 22.55
N SER B 147 -0.97 -24.37 22.48
CA SER B 147 -0.91 -25.19 23.68
C SER B 147 0.01 -24.60 24.75
N LEU B 148 0.93 -23.74 24.34
CA LEU B 148 1.87 -23.11 25.26
C LEU B 148 1.16 -22.09 26.15
N VAL B 149 0.21 -21.37 25.57
CA VAL B 149 -0.52 -20.33 26.30
C VAL B 149 -1.66 -20.92 27.12
N ARG B 150 -2.34 -21.92 26.56
CA ARG B 150 -3.37 -22.63 27.30
C ARG B 150 -2.80 -23.20 28.59
N GLN B 151 -1.48 -23.35 28.61
CA GLN B 151 -0.77 -23.91 29.76
C GLN B 151 -0.75 -22.94 30.94
N TYR B 152 -0.92 -21.65 30.67
CA TYR B 152 -0.89 -20.63 31.73
C TYR B 152 -2.28 -20.07 32.05
N ASN B 153 -3.31 -20.81 31.65
CA ASN B 153 -4.70 -20.50 32.01
C ASN B 153 -5.08 -19.02 31.85
N PRO B 154 -5.17 -18.55 30.61
CA PRO B 154 -5.62 -17.19 30.34
C PRO B 154 -7.14 -17.16 30.24
N LYS B 155 -7.70 -15.96 30.03
CA LYS B 155 -9.14 -15.82 29.89
C LYS B 155 -9.54 -16.08 28.43
N MET B 156 -8.86 -15.40 27.51
CA MET B 156 -9.20 -15.45 26.10
C MET B 156 -7.96 -15.60 25.23
N VAL B 157 -8.11 -16.27 24.08
CA VAL B 157 -6.98 -16.48 23.18
C VAL B 157 -7.34 -16.30 21.70
N LYS B 158 -6.61 -15.43 21.02
CA LYS B 158 -6.80 -15.21 19.58
C LYS B 158 -5.46 -15.21 18.83
N VAL B 159 -5.50 -15.58 17.56
CA VAL B 159 -4.30 -15.55 16.73
C VAL B 159 -4.45 -14.54 15.60
N ALA B 160 -3.51 -13.60 15.54
CA ALA B 160 -3.39 -12.73 14.39
C ALA B 160 -2.15 -13.14 13.60
N SER B 161 -2.29 -13.21 12.28
CA SER B 161 -1.19 -13.55 11.39
C SER B 161 -1.29 -12.68 10.14
N LEU B 162 -0.17 -12.11 9.71
CA LEU B 162 -0.17 -11.23 8.55
C LEU B 162 -0.40 -12.04 7.29
N LEU B 163 0.08 -13.27 7.31
CA LEU B 163 0.09 -14.11 6.13
C LEU B 163 -0.44 -15.50 6.44
N VAL B 164 -1.27 -16.00 5.55
CA VAL B 164 -1.70 -17.38 5.59
C VAL B 164 -1.53 -17.95 4.19
N LYS B 165 -0.71 -18.99 4.09
CA LYS B 165 -0.44 -19.62 2.79
C LYS B 165 -1.55 -20.59 2.44
N ARG B 166 -1.87 -20.67 1.15
CA ARG B 166 -2.89 -21.58 0.67
C ARG B 166 -2.32 -22.99 0.49
N THR B 167 -2.17 -23.73 1.60
CA THR B 167 -1.45 -25.03 1.58
C THR B 167 -2.17 -26.14 2.36
N PRO B 168 -1.64 -27.37 2.28
CA PRO B 168 -2.15 -28.51 3.05
C PRO B 168 -2.14 -28.27 4.56
N ARG B 169 -3.20 -27.66 5.06
CA ARG B 169 -3.37 -27.50 6.49
C ARG B 169 -3.72 -28.86 7.10
N SER B 170 -3.00 -29.22 8.16
CA SER B 170 -3.18 -30.53 8.80
C SER B 170 -4.50 -30.60 9.56
N VAL B 171 -4.97 -29.46 10.04
CA VAL B 171 -6.14 -29.40 10.90
C VAL B 171 -5.70 -28.83 12.24
N GLY B 172 -6.32 -27.74 12.67
CA GLY B 172 -5.88 -27.09 13.91
C GLY B 172 -6.79 -26.03 14.50
N TYR B 173 -6.39 -24.78 14.35
CA TYR B 173 -7.03 -23.69 15.10
C TYR B 173 -7.26 -22.42 14.27
N LYS B 174 -7.54 -22.60 12.98
CA LYS B 174 -7.90 -21.49 12.09
C LYS B 174 -7.75 -20.11 12.74
N PRO B 175 -6.89 -19.26 12.16
CA PRO B 175 -6.59 -17.94 12.73
C PRO B 175 -7.77 -16.98 12.77
N ASP B 176 -7.83 -16.16 13.81
CA ASP B 176 -8.93 -15.21 13.98
C ASP B 176 -8.79 -13.97 13.10
N PHE B 177 -7.58 -13.47 12.98
CA PHE B 177 -7.32 -12.28 12.15
C PHE B 177 -6.22 -12.58 11.13
N VAL B 178 -6.59 -12.50 9.85
CA VAL B 178 -5.66 -12.81 8.77
C VAL B 178 -5.44 -11.59 7.88
N GLY B 179 -4.18 -11.22 7.69
CA GLY B 179 -3.86 -10.07 6.86
C GLY B 179 -4.04 -10.36 5.38
N PHE B 180 -3.34 -11.39 4.89
CA PHE B 180 -3.40 -11.77 3.48
C PHE B 180 -3.31 -13.27 3.29
N GLU B 181 -4.19 -13.80 2.46
CA GLU B 181 -4.12 -15.20 2.05
C GLU B 181 -3.45 -15.27 0.68
N ILE B 182 -2.25 -15.85 0.65
CA ILE B 182 -1.38 -15.78 -0.52
C ILE B 182 -1.09 -17.16 -1.11
N PRO B 183 -0.65 -17.21 -2.37
CA PRO B 183 -0.34 -18.50 -2.99
C PRO B 183 0.78 -19.26 -2.30
N ASP B 184 0.89 -20.55 -2.63
CA ASP B 184 1.96 -21.42 -2.13
C ASP B 184 3.27 -21.05 -2.85
N LYS B 185 3.84 -19.91 -2.47
CA LYS B 185 5.13 -19.48 -2.99
C LYS B 185 6.01 -19.04 -1.82
N PHE B 186 7.33 -19.14 -1.98
CA PHE B 186 8.23 -18.73 -0.91
C PHE B 186 8.48 -17.22 -0.94
N VAL B 187 8.12 -16.54 0.15
CA VAL B 187 8.10 -15.09 0.15
C VAL B 187 9.10 -14.49 1.12
N VAL B 188 9.72 -13.39 0.71
CA VAL B 188 10.64 -12.69 1.58
C VAL B 188 10.28 -11.21 1.63
N GLY B 189 10.88 -10.51 2.57
CA GLY B 189 10.62 -9.08 2.71
C GLY B 189 9.69 -8.77 3.87
N TYR B 190 9.61 -7.49 4.19
CA TYR B 190 8.83 -7.02 5.33
C TYR B 190 9.20 -7.72 6.63
N ALA B 191 8.50 -8.79 7.00
CA ALA B 191 8.80 -9.48 8.25
C ALA B 191 9.63 -10.76 8.04
N LEU B 192 9.75 -11.19 6.78
CA LEU B 192 10.39 -12.46 6.48
C LEU B 192 11.73 -12.30 5.78
N ASP B 193 12.81 -12.62 6.48
CA ASP B 193 14.13 -12.57 5.89
C ASP B 193 14.43 -13.91 5.23
N TYR B 194 15.62 -14.00 4.62
CA TYR B 194 16.13 -15.27 4.15
C TYR B 194 17.62 -15.31 4.48
N ASN B 195 17.96 -16.06 5.51
CA ASN B 195 19.33 -16.14 6.02
C ASN B 195 19.96 -14.76 6.21
N GLU B 196 19.21 -13.88 6.87
CA GLU B 196 19.66 -12.54 7.25
C GLU B 196 19.50 -11.46 6.16
N TYR B 197 19.12 -11.86 4.96
CA TYR B 197 18.92 -10.90 3.87
C TYR B 197 17.44 -10.53 3.70
N PHE B 198 17.21 -9.47 2.93
CA PHE B 198 15.85 -8.99 2.61
C PHE B 198 15.20 -8.16 3.72
N ARG B 199 15.93 -7.90 4.81
CA ARG B 199 15.38 -7.11 5.90
C ARG B 199 15.10 -5.69 5.43
N ASP B 200 15.90 -5.23 4.47
CA ASP B 200 15.75 -3.88 3.92
C ASP B 200 14.70 -3.84 2.80
N LEU B 201 14.11 -5.00 2.51
CA LEU B 201 13.02 -5.11 1.56
C LEU B 201 11.66 -4.98 2.26
N ASN B 202 10.93 -3.91 1.97
CA ASN B 202 9.67 -3.59 2.64
C ASN B 202 8.47 -4.37 2.15
N HIS B 203 8.56 -4.86 0.92
CA HIS B 203 7.44 -5.49 0.27
C HIS B 203 7.55 -6.99 0.43
N VAL B 204 6.42 -7.69 0.45
CA VAL B 204 6.45 -9.15 0.38
C VAL B 204 6.57 -9.55 -1.07
N CYS B 205 7.66 -10.23 -1.40
CA CYS B 205 7.94 -10.66 -2.76
C CYS B 205 8.24 -12.16 -2.79
N VAL B 206 8.24 -12.74 -3.97
CA VAL B 206 8.61 -14.13 -4.14
C VAL B 206 10.10 -14.19 -4.42
N ILE B 207 10.83 -14.94 -3.62
CA ILE B 207 12.25 -15.06 -3.86
C ILE B 207 12.47 -15.87 -5.15
N SER B 208 13.46 -15.49 -5.96
CA SER B 208 13.78 -16.25 -7.15
C SER B 208 14.84 -17.30 -6.84
N GLU B 209 15.23 -18.05 -7.87
CA GLU B 209 16.23 -19.10 -7.72
C GLU B 209 17.62 -18.50 -7.64
N THR B 210 17.80 -17.40 -8.34
CA THR B 210 19.04 -16.66 -8.26
C THR B 210 19.24 -16.18 -6.82
N GLY B 211 18.14 -15.72 -6.21
CA GLY B 211 18.18 -15.21 -4.85
C GLY B 211 18.49 -16.29 -3.85
N LYS B 212 17.77 -17.40 -3.93
CA LYS B 212 18.00 -18.54 -3.04
C LYS B 212 19.47 -18.95 -3.06
N ALA B 213 20.00 -19.14 -4.25
CA ALA B 213 21.38 -19.58 -4.43
C ALA B 213 22.38 -18.53 -3.96
N LYS B 214 22.15 -17.28 -4.32
CA LYS B 214 23.05 -16.21 -3.92
C LYS B 214 23.08 -16.01 -2.41
N TYR B 215 21.92 -16.10 -1.77
CA TYR B 215 21.84 -15.85 -0.34
C TYR B 215 22.01 -17.13 0.51
N LYS B 216 22.84 -18.02 -0.04
CA LYS B 216 23.32 -19.21 0.64
C LYS B 216 22.63 -19.51 1.96
N ALA B 217 23.43 -19.78 2.99
CA ALA B 217 22.92 -20.14 4.31
C ALA B 217 24.07 -20.42 5.26
OAD H26 C . -11.87 13.62 -19.00
PAT H26 C . -10.54 14.31 -18.96
OAE H26 C . -10.50 15.65 -19.67
OAC H26 C . -9.37 13.40 -19.28
CAJ H26 C . -10.32 14.76 -17.22
CAH H26 C . -11.68 14.62 -16.56
OAN H26 C . -11.50 14.11 -15.24
CAG H26 C . -12.09 14.98 -14.26
CAI H26 C . -13.54 14.56 -13.99
N9 H26 C . -13.62 13.12 -13.75
C8 H26 C . -13.74 12.17 -14.69
N7 H26 C . -13.80 10.96 -14.11
C4 H26 C . -13.60 12.52 -12.55
C5 H26 C . -13.71 11.15 -12.77
N3 H26 C . -13.50 12.97 -11.28
C2 H26 C . -13.50 12.11 -10.24
N1 H26 C . -13.61 10.79 -10.44
C6 H26 C . -13.71 10.28 -11.69
O6 H26 C . -13.82 8.93 -11.89
OAD H26 D . 4.90 -23.68 8.91
PAT H26 D . 4.49 -22.76 10.03
OAE H26 D . 5.12 -23.06 11.38
OAC H26 D . 2.99 -22.56 10.10
CAJ H26 D . 5.15 -21.13 9.60
CAH H26 D . 6.61 -21.21 9.19
OAN H26 D . 7.12 -19.89 8.99
CAG H26 D . 8.51 -19.84 8.67
CAI H26 D . 8.85 -20.76 7.51
N9 H26 D . 8.23 -20.33 6.25
C8 H26 D . 7.17 -20.90 5.66
N7 H26 D . 6.88 -20.25 4.51
C4 H26 D . 8.63 -19.30 5.47
C5 H26 D . 7.79 -19.25 4.38
N3 H26 D . 9.64 -18.41 5.59
C2 H26 D . 9.81 -17.46 4.64
N1 H26 D . 9.00 -17.38 3.59
C6 H26 D . 7.98 -18.26 3.43
O6 H26 D . 7.16 -18.19 2.34
#